data_9FZM
#
_entry.id   9FZM
#
_entity_poly.entity_id   1
_entity_poly.type   'polypeptide(L)'
_entity_poly.pdbx_seq_one_letter_code
;ADNKFSQSANLLAEAKKLNDAQGGITEEQRNGFIQSLKDDAKTNPGNNKEQQNAFYEILHLPK
;
_entity_poly.pdbx_strand_id   A
#
# COMPACT_ATOMS: atom_id res chain seq x y z
N ALA A 1 -19.76 -6.75 -0.27
CA ALA A 1 -19.31 -6.72 1.13
C ALA A 1 -17.78 -6.74 1.23
N ASP A 2 -17.12 -6.52 0.11
CA ASP A 2 -15.66 -6.50 0.07
C ASP A 2 -15.15 -5.07 0.31
N ASN A 3 -15.81 -4.38 1.22
CA ASN A 3 -15.50 -2.98 1.49
C ASN A 3 -14.74 -2.81 2.80
N LYS A 4 -14.61 -3.90 3.55
CA LYS A 4 -13.94 -3.84 4.85
C LYS A 4 -12.42 -3.95 4.66
N PHE A 5 -12.03 -4.42 3.49
CA PHE A 5 -10.61 -4.49 3.15
C PHE A 5 -10.11 -3.11 2.75
N SER A 6 -9.05 -2.67 3.40
CA SER A 6 -8.41 -1.42 3.06
C SER A 6 -7.78 -1.53 1.66
N GLN A 7 -7.69 -0.39 0.98
CA GLN A 7 -7.19 -0.33 -0.38
C GLN A 7 -5.74 -0.80 -0.45
N SER A 8 -5.10 -0.92 0.71
CA SER A 8 -3.73 -1.37 0.76
C SER A 8 -3.60 -2.77 0.16
N ALA A 9 -4.51 -3.66 0.54
CA ALA A 9 -4.49 -5.03 0.02
C ALA A 9 -4.78 -5.04 -1.47
N ASN A 10 -5.55 -4.06 -1.90
CA ASN A 10 -5.86 -3.88 -3.31
C ASN A 10 -4.64 -3.34 -4.04
N LEU A 11 -3.94 -2.39 -3.41
CA LEU A 11 -2.75 -1.81 -4.01
C LEU A 11 -1.63 -2.84 -4.06
N LEU A 12 -1.64 -3.78 -3.13
CA LEU A 12 -0.67 -4.87 -3.12
C LEU A 12 -0.70 -5.62 -4.44
N ALA A 13 -1.89 -5.99 -4.88
CA ALA A 13 -2.06 -6.66 -6.16
C ALA A 13 -1.85 -5.68 -7.33
N GLU A 14 -2.41 -4.48 -7.18
CA GLU A 14 -2.43 -3.51 -8.27
C GLU A 14 -1.03 -2.95 -8.56
N ALA A 15 -0.33 -2.55 -7.50
CA ALA A 15 1.02 -1.99 -7.65
C ALA A 15 1.98 -3.05 -8.17
N LYS A 16 1.73 -4.30 -7.81
CA LYS A 16 2.54 -5.41 -8.29
C LYS A 16 2.58 -5.42 -9.82
N LYS A 17 1.42 -5.17 -10.43
CA LYS A 17 1.31 -5.13 -11.87
C LYS A 17 1.79 -3.79 -12.41
N LEU A 18 1.33 -2.72 -11.76
CA LEU A 18 1.63 -1.36 -12.16
C LEU A 18 3.14 -1.11 -12.20
N ASN A 19 3.82 -1.47 -11.12
CA ASN A 19 5.24 -1.24 -10.99
C ASN A 19 6.02 -1.96 -12.09
N ASP A 20 5.62 -3.19 -12.37
CA ASP A 20 6.27 -3.99 -13.40
C ASP A 20 6.06 -3.37 -14.78
N ALA A 21 4.85 -2.92 -15.04
CA ALA A 21 4.51 -2.28 -16.29
C ALA A 21 5.26 -0.96 -16.45
N GLN A 22 5.62 -0.34 -15.33
CA GLN A 22 6.36 0.91 -15.36
C GLN A 22 7.87 0.62 -15.43
N GLY A 23 8.22 -0.64 -15.25
CA GLY A 23 9.61 -1.04 -15.30
C GLY A 23 10.35 -0.74 -14.01
N GLY A 24 9.65 -0.93 -12.90
CA GLY A 24 10.24 -0.62 -11.61
C GLY A 24 10.05 0.84 -11.24
N ILE A 25 9.45 1.10 -10.10
CA ILE A 25 9.20 2.46 -9.66
C ILE A 25 10.44 3.06 -9.02
N THR A 26 10.53 4.39 -9.04
CA THR A 26 11.61 5.07 -8.38
C THR A 26 11.20 5.46 -6.96
N GLU A 27 12.14 5.90 -6.16
CA GLU A 27 11.89 6.13 -4.73
C GLU A 27 10.69 7.06 -4.51
N GLU A 28 10.51 8.03 -5.37
CA GLU A 28 9.45 9.02 -5.18
C GLU A 28 8.07 8.44 -5.47
N GLN A 29 8.02 7.40 -6.29
CA GLN A 29 6.74 6.76 -6.63
C GLN A 29 6.08 6.15 -5.40
N ARG A 30 6.88 5.59 -4.51
CA ARG A 30 6.33 4.89 -3.34
C ARG A 30 5.60 5.86 -2.42
N ASN A 31 5.99 7.13 -2.47
CA ASN A 31 5.33 8.15 -1.67
C ASN A 31 3.93 8.40 -2.21
N GLY A 32 3.71 7.96 -3.44
CA GLY A 32 2.41 8.10 -4.05
C GLY A 32 1.58 6.86 -3.81
N PHE A 33 2.13 5.96 -3.01
CA PHE A 33 1.42 4.76 -2.59
C PHE A 33 1.13 4.81 -1.11
N ILE A 34 2.09 5.35 -0.34
CA ILE A 34 1.92 5.52 1.10
C ILE A 34 0.63 6.27 1.40
N GLN A 35 0.38 7.31 0.63
CA GLN A 35 -0.81 8.12 0.79
C GLN A 35 -2.06 7.38 0.32
N SER A 36 -1.86 6.49 -0.64
CA SER A 36 -2.97 5.76 -1.26
C SER A 36 -3.42 4.57 -0.40
N LEU A 37 -2.55 4.11 0.50
CA LEU A 37 -2.87 2.99 1.38
C LEU A 37 -4.08 3.31 2.23
N LYS A 38 -4.00 4.44 2.91
CA LYS A 38 -5.02 4.81 3.88
C LYS A 38 -5.79 6.06 3.49
N ASP A 39 -5.15 6.91 2.68
CA ASP A 39 -5.70 8.22 2.33
C ASP A 39 -5.95 9.07 3.57
N ASP A 40 -7.13 8.95 4.12
CA ASP A 40 -7.48 9.61 5.37
C ASP A 40 -8.29 8.65 6.23
N ALA A 41 -7.63 7.62 6.72
CA ALA A 41 -8.28 6.55 7.45
C ALA A 41 -8.44 6.89 8.92
N LYS A 42 -8.09 8.13 9.28
CA LYS A 42 -8.28 8.68 10.64
C LYS A 42 -7.35 8.03 11.66
N THR A 43 -6.63 6.99 11.23
CA THR A 43 -5.76 6.21 12.11
C THR A 43 -6.58 5.51 13.19
N ASN A 44 -7.38 4.53 12.79
CA ASN A 44 -8.17 3.75 13.72
C ASN A 44 -7.28 2.81 14.51
N PRO A 45 -7.24 2.96 15.85
CA PRO A 45 -6.46 2.09 16.74
C PRO A 45 -6.72 0.62 16.49
N GLY A 46 -5.65 -0.15 16.35
CA GLY A 46 -5.78 -1.57 16.08
C GLY A 46 -5.87 -1.84 14.60
N ASN A 47 -6.76 -1.12 13.93
CA ASN A 47 -6.95 -1.26 12.49
C ASN A 47 -5.68 -0.85 11.76
N ASN A 48 -5.10 0.27 12.16
CA ASN A 48 -3.89 0.76 11.51
C ASN A 48 -2.67 -0.04 11.89
N LYS A 49 -2.75 -0.74 13.03
CA LYS A 49 -1.73 -1.70 13.38
C LYS A 49 -1.72 -2.82 12.35
N GLU A 50 -2.90 -3.08 11.81
CA GLU A 50 -3.07 -4.10 10.79
C GLU A 50 -2.61 -3.55 9.45
N GLN A 51 -2.98 -2.29 9.20
CA GLN A 51 -2.57 -1.56 8.02
C GLN A 51 -1.05 -1.46 7.93
N GLN A 52 -0.43 -1.32 9.09
CA GLN A 52 1.03 -1.21 9.20
C GLN A 52 1.73 -2.40 8.55
N ASN A 53 1.09 -3.56 8.62
CA ASN A 53 1.64 -4.77 8.03
C ASN A 53 1.69 -4.65 6.51
N ALA A 54 0.65 -4.07 5.94
CA ALA A 54 0.58 -3.85 4.50
C ALA A 54 1.50 -2.70 4.10
N PHE A 55 1.59 -1.71 4.98
CA PHE A 55 2.48 -0.58 4.82
C PHE A 55 3.91 -1.07 4.62
N TYR A 56 4.26 -2.13 5.35
CA TYR A 56 5.61 -2.67 5.35
C TYR A 56 5.96 -3.32 4.00
N GLU A 57 4.95 -3.64 3.20
CA GLU A 57 5.17 -4.32 1.93
C GLU A 57 5.32 -3.35 0.77
N ILE A 58 4.86 -2.12 0.94
CA ILE A 58 4.82 -1.18 -0.17
C ILE A 58 5.98 -0.17 -0.13
N LEU A 59 6.43 0.21 1.07
CA LEU A 59 7.45 1.25 1.19
C LEU A 59 8.81 0.77 0.65
N HIS A 60 8.98 -0.55 0.58
CA HIS A 60 10.21 -1.13 0.04
C HIS A 60 9.97 -2.56 -0.40
N LEU A 61 10.66 -2.96 -1.46
CA LEU A 61 10.56 -4.33 -1.94
C LEU A 61 11.94 -4.98 -2.10
N PRO A 62 12.92 -4.33 -2.78
CA PRO A 62 14.27 -4.89 -2.93
C PRO A 62 15.14 -4.60 -1.71
N LYS A 63 14.63 -3.79 -0.80
CA LYS A 63 15.35 -3.45 0.42
C LYS A 63 14.82 -4.25 1.59
N ALA A 1 -0.56 -8.97 6.78
CA ALA A 1 -0.63 -8.21 5.51
C ALA A 1 -1.82 -8.65 4.67
N ASP A 2 -1.77 -9.89 4.20
CA ASP A 2 -2.83 -10.43 3.35
C ASP A 2 -3.97 -11.00 4.20
N ASN A 3 -4.01 -10.58 5.46
CA ASN A 3 -5.03 -11.06 6.38
C ASN A 3 -6.33 -10.30 6.17
N LYS A 4 -6.22 -8.99 6.08
CA LYS A 4 -7.37 -8.13 5.85
C LYS A 4 -7.23 -7.42 4.53
N PHE A 5 -8.07 -7.80 3.57
CA PHE A 5 -8.00 -7.24 2.23
C PHE A 5 -8.66 -5.87 2.18
N SER A 6 -7.97 -4.88 2.71
CA SER A 6 -8.43 -3.50 2.68
C SER A 6 -7.92 -2.81 1.42
N GLN A 7 -8.10 -1.50 1.34
CA GLN A 7 -7.61 -0.73 0.19
C GLN A 7 -6.10 -0.91 0.03
N SER A 8 -5.42 -1.17 1.15
CA SER A 8 -3.99 -1.38 1.14
C SER A 8 -3.65 -2.63 0.33
N ALA A 9 -4.37 -3.72 0.58
CA ALA A 9 -4.13 -4.96 -0.13
C ALA A 9 -4.53 -4.81 -1.59
N ASN A 10 -5.50 -3.95 -1.83
CA ASN A 10 -5.91 -3.61 -3.19
C ASN A 10 -4.77 -2.90 -3.91
N LEU A 11 -4.12 -1.97 -3.22
CA LEU A 11 -2.95 -1.30 -3.78
C LEU A 11 -1.85 -2.31 -4.04
N LEU A 12 -1.63 -3.21 -3.10
CA LEU A 12 -0.64 -4.26 -3.26
C LEU A 12 -0.89 -5.08 -4.53
N ALA A 13 -2.15 -5.45 -4.73
CA ALA A 13 -2.54 -6.23 -5.90
C ALA A 13 -2.29 -5.45 -7.18
N GLU A 14 -2.59 -4.15 -7.15
CA GLU A 14 -2.36 -3.30 -8.30
C GLU A 14 -0.87 -3.04 -8.52
N ALA A 15 -0.19 -2.71 -7.43
CA ALA A 15 1.21 -2.32 -7.45
C ALA A 15 2.11 -3.42 -8.01
N LYS A 16 1.80 -4.67 -7.73
CA LYS A 16 2.61 -5.78 -8.21
C LYS A 16 2.55 -5.87 -9.74
N LYS A 17 1.42 -5.49 -10.31
CA LYS A 17 1.28 -5.40 -11.75
C LYS A 17 1.83 -4.07 -12.26
N LEU A 18 1.52 -3.03 -11.53
CA LEU A 18 1.84 -1.65 -11.91
C LEU A 18 3.35 -1.39 -11.92
N ASN A 19 4.06 -1.88 -10.92
CA ASN A 19 5.49 -1.57 -10.80
C ASN A 19 6.24 -2.04 -12.05
N ASP A 20 5.87 -3.21 -12.55
CA ASP A 20 6.51 -3.76 -13.73
C ASP A 20 6.13 -2.96 -14.97
N ALA A 21 4.90 -2.45 -14.98
CA ALA A 21 4.41 -1.63 -16.08
C ALA A 21 5.18 -0.31 -16.16
N GLN A 22 5.65 0.17 -15.01
CA GLN A 22 6.44 1.39 -14.95
C GLN A 22 7.93 1.09 -15.08
N GLY A 23 8.28 -0.19 -15.06
CA GLY A 23 9.66 -0.59 -15.13
C GLY A 23 10.38 -0.39 -13.82
N GLY A 24 9.67 -0.65 -12.73
CA GLY A 24 10.22 -0.43 -11.41
C GLY A 24 9.67 0.84 -10.79
N ILE A 25 9.39 0.80 -9.50
CA ILE A 25 8.86 1.97 -8.81
C ILE A 25 9.97 2.72 -8.09
N THR A 26 10.23 3.93 -8.55
CA THR A 26 11.26 4.77 -7.98
C THR A 26 10.85 5.28 -6.60
N GLU A 27 11.76 5.95 -5.91
CA GLU A 27 11.47 6.50 -4.59
C GLU A 27 10.30 7.47 -4.68
N GLU A 28 10.28 8.25 -5.76
CA GLU A 28 9.22 9.23 -5.98
C GLU A 28 7.92 8.54 -6.38
N GLN A 29 8.04 7.44 -7.11
CA GLN A 29 6.87 6.67 -7.52
C GLN A 29 6.20 6.03 -6.31
N ARG A 30 7.00 5.35 -5.49
CA ARG A 30 6.49 4.69 -4.30
C ARG A 30 6.04 5.71 -3.25
N ASN A 31 6.52 6.94 -3.39
CA ASN A 31 6.14 8.01 -2.49
C ASN A 31 4.66 8.35 -2.68
N GLY A 32 4.11 7.95 -3.82
CA GLY A 32 2.72 8.19 -4.10
C GLY A 32 1.86 7.02 -3.67
N PHE A 33 2.48 6.03 -3.03
CA PHE A 33 1.75 4.87 -2.55
C PHE A 33 1.35 5.03 -1.09
N ILE A 34 2.08 5.89 -0.38
CA ILE A 34 1.85 6.09 1.05
C ILE A 34 0.42 6.55 1.30
N GLN A 35 0.01 7.56 0.54
CA GLN A 35 -1.33 8.15 0.65
C GLN A 35 -2.42 7.14 0.29
N SER A 36 -2.14 6.31 -0.69
CA SER A 36 -3.11 5.37 -1.20
C SER A 36 -3.18 4.12 -0.32
N LEU A 37 -2.07 3.81 0.35
CA LEU A 37 -1.99 2.63 1.20
C LEU A 37 -2.80 2.85 2.46
N LYS A 38 -2.43 3.90 3.18
CA LYS A 38 -3.13 4.27 4.40
C LYS A 38 -4.52 4.82 4.11
N ASP A 39 -4.61 5.63 3.05
CA ASP A 39 -5.86 6.29 2.65
C ASP A 39 -6.32 7.27 3.74
N ASP A 40 -6.96 6.74 4.77
CA ASP A 40 -7.41 7.55 5.89
C ASP A 40 -7.34 6.74 7.17
N ALA A 41 -6.26 6.87 7.89
CA ALA A 41 -6.12 6.20 9.17
C ALA A 41 -7.01 6.87 10.20
N LYS A 42 -7.88 6.09 10.83
CA LYS A 42 -8.74 6.59 11.90
C LYS A 42 -7.96 6.63 13.21
N THR A 43 -6.66 6.34 13.09
CA THR A 43 -5.73 6.31 14.21
C THR A 43 -6.25 5.48 15.39
N ASN A 44 -6.78 4.30 15.09
CA ASN A 44 -7.28 3.42 16.14
C ASN A 44 -6.37 2.22 16.32
N PRO A 45 -6.08 1.83 17.57
CA PRO A 45 -5.25 0.65 17.89
C PRO A 45 -5.95 -0.67 17.62
N GLY A 46 -6.56 -0.80 16.45
CA GLY A 46 -7.27 -2.02 16.13
C GLY A 46 -7.46 -2.22 14.64
N ASN A 47 -8.31 -1.39 14.05
CA ASN A 47 -8.70 -1.57 12.64
C ASN A 47 -7.59 -1.14 11.70
N ASN A 48 -7.08 0.07 11.88
CA ASN A 48 -6.06 0.62 10.98
C ASN A 48 -4.70 -0.04 11.18
N LYS A 49 -4.54 -0.71 12.30
CA LYS A 49 -3.30 -1.44 12.58
C LYS A 49 -3.06 -2.52 11.52
N GLU A 50 -4.13 -2.97 10.88
CA GLU A 50 -4.04 -4.05 9.90
C GLU A 50 -3.38 -3.57 8.61
N GLN A 51 -3.76 -2.39 8.17
CA GLN A 51 -3.17 -1.80 6.97
C GLN A 51 -1.70 -1.47 7.23
N GLN A 52 -1.39 -1.11 8.47
CA GLN A 52 -0.01 -0.82 8.88
C GLN A 52 0.91 -2.00 8.57
N ASN A 53 0.39 -3.22 8.69
CA ASN A 53 1.15 -4.42 8.35
C ASN A 53 1.39 -4.49 6.85
N ALA A 54 0.41 -4.06 6.07
CA ALA A 54 0.55 -4.00 4.62
C ALA A 54 1.48 -2.87 4.23
N PHE A 55 1.50 -1.82 5.03
CA PHE A 55 2.42 -0.71 4.86
C PHE A 55 3.86 -1.19 5.00
N TYR A 56 4.05 -2.21 5.84
CA TYR A 56 5.36 -2.80 6.07
C TYR A 56 5.84 -3.58 4.84
N GLU A 57 4.96 -3.69 3.85
CA GLU A 57 5.28 -4.35 2.59
C GLU A 57 5.72 -3.32 1.55
N ILE A 58 5.39 -2.06 1.80
CA ILE A 58 5.63 -0.99 0.81
C ILE A 58 6.25 0.24 1.48
N LEU A 59 7.05 0.03 2.52
CA LEU A 59 7.63 1.17 3.25
C LEU A 59 9.10 1.38 2.89
N HIS A 60 9.75 0.37 2.32
CA HIS A 60 11.16 0.49 1.99
C HIS A 60 11.45 0.03 0.56
N LEU A 61 11.98 -1.19 0.42
CA LEU A 61 12.39 -1.70 -0.88
C LEU A 61 11.34 -2.65 -1.43
N PRO A 62 10.98 -2.49 -2.71
CA PRO A 62 10.00 -3.35 -3.38
C PRO A 62 10.60 -4.71 -3.76
N LYS A 63 11.89 -4.87 -3.46
CA LYS A 63 12.62 -6.11 -3.75
C LYS A 63 12.71 -6.34 -5.26
N ALA A 1 -19.45 -10.77 0.64
CA ALA A 1 -18.63 -11.80 -0.02
C ALA A 1 -17.29 -11.22 -0.47
N ASP A 2 -16.25 -12.05 -0.41
CA ASP A 2 -14.87 -11.67 -0.80
C ASP A 2 -14.47 -10.30 -0.26
N ASN A 3 -13.43 -9.72 -0.88
CA ASN A 3 -12.88 -8.43 -0.47
C ASN A 3 -12.20 -8.55 0.89
N LYS A 4 -10.90 -8.79 0.86
CA LYS A 4 -10.11 -8.89 2.07
C LYS A 4 -9.92 -7.50 2.67
N PHE A 5 -9.84 -7.44 3.99
CA PHE A 5 -9.63 -6.19 4.68
C PHE A 5 -8.21 -5.69 4.42
N SER A 6 -8.01 -4.39 4.65
CA SER A 6 -6.75 -3.73 4.31
C SER A 6 -6.58 -3.70 2.80
N GLN A 7 -7.14 -2.66 2.18
CA GLN A 7 -7.11 -2.49 0.73
C GLN A 7 -5.69 -2.33 0.21
N SER A 8 -4.74 -2.18 1.12
CA SER A 8 -3.33 -2.05 0.76
C SER A 8 -2.89 -3.24 -0.08
N ALA A 9 -3.38 -4.44 0.26
CA ALA A 9 -3.04 -5.65 -0.50
C ALA A 9 -3.50 -5.51 -1.95
N ASN A 10 -4.58 -4.78 -2.15
CA ASN A 10 -5.08 -4.51 -3.49
C ASN A 10 -4.09 -3.62 -4.23
N LEU A 11 -3.65 -2.57 -3.56
CA LEU A 11 -2.67 -1.65 -4.13
C LEU A 11 -1.38 -2.39 -4.43
N LEU A 12 -1.01 -3.31 -3.55
CA LEU A 12 0.17 -4.15 -3.75
C LEU A 12 0.03 -4.96 -5.04
N ALA A 13 -1.16 -5.50 -5.27
CA ALA A 13 -1.43 -6.27 -6.48
C ALA A 13 -1.47 -5.36 -7.71
N GLU A 14 -2.06 -4.19 -7.53
CA GLU A 14 -2.17 -3.23 -8.62
C GLU A 14 -0.79 -2.66 -8.96
N ALA A 15 -0.02 -2.37 -7.92
CA ALA A 15 1.33 -1.87 -8.07
C ALA A 15 2.24 -2.92 -8.69
N LYS A 16 1.91 -4.19 -8.50
CA LYS A 16 2.64 -5.28 -9.11
C LYS A 16 2.46 -5.24 -10.63
N LYS A 17 1.21 -5.16 -11.05
CA LYS A 17 0.87 -5.06 -12.47
C LYS A 17 1.41 -3.75 -13.04
N LEU A 18 1.32 -2.71 -12.21
CA LEU A 18 1.79 -1.39 -12.59
C LEU A 18 3.31 -1.37 -12.71
N ASN A 19 3.97 -2.20 -11.92
CA ASN A 19 5.43 -2.16 -11.82
C ASN A 19 6.08 -2.36 -13.18
N ASP A 20 5.72 -3.43 -13.86
CA ASP A 20 6.30 -3.72 -15.17
C ASP A 20 5.79 -2.75 -16.21
N ALA A 21 4.55 -2.30 -16.06
CA ALA A 21 3.93 -1.38 -17.00
C ALA A 21 4.59 0.00 -16.93
N GLN A 22 4.96 0.41 -15.72
CA GLN A 22 5.59 1.70 -15.52
C GLN A 22 7.08 1.62 -15.81
N GLY A 23 7.60 0.40 -15.83
CA GLY A 23 9.02 0.19 -16.02
C GLY A 23 9.77 0.24 -14.71
N GLY A 24 9.18 -0.34 -13.69
CA GLY A 24 9.75 -0.29 -12.36
C GLY A 24 9.20 0.86 -11.55
N ILE A 25 8.85 0.60 -10.30
CA ILE A 25 8.39 1.67 -9.42
C ILE A 25 9.58 2.31 -8.73
N THR A 26 9.73 3.61 -8.90
CA THR A 26 10.83 4.34 -8.29
C THR A 26 10.57 4.56 -6.81
N GLU A 27 11.60 4.97 -6.10
CA GLU A 27 11.50 5.24 -4.68
C GLU A 27 10.37 6.23 -4.39
N GLU A 28 10.27 7.26 -5.22
CA GLU A 28 9.26 8.29 -5.03
C GLU A 28 7.86 7.74 -5.24
N GLN A 29 7.73 6.77 -6.16
CA GLN A 29 6.44 6.18 -6.48
C GLN A 29 5.92 5.37 -5.30
N ARG A 30 6.77 4.51 -4.75
CA ARG A 30 6.34 3.69 -3.61
C ARG A 30 6.18 4.53 -2.36
N ASN A 31 6.93 5.62 -2.28
CA ASN A 31 6.78 6.57 -1.19
C ASN A 31 5.44 7.29 -1.33
N GLY A 32 4.91 7.29 -2.55
CA GLY A 32 3.66 7.97 -2.80
C GLY A 32 2.47 7.05 -2.67
N PHE A 33 2.74 5.81 -2.28
CA PHE A 33 1.67 4.83 -2.09
C PHE A 33 1.27 4.75 -0.64
N ILE A 34 2.02 5.45 0.21
CA ILE A 34 1.71 5.51 1.64
C ILE A 34 0.30 6.06 1.85
N GLN A 35 -0.02 7.14 1.15
CA GLN A 35 -1.33 7.76 1.23
C GLN A 35 -2.36 6.90 0.50
N SER A 36 -1.89 6.15 -0.48
CA SER A 36 -2.75 5.34 -1.33
C SER A 36 -3.24 4.10 -0.60
N LEU A 37 -2.52 3.70 0.46
CA LEU A 37 -2.92 2.57 1.28
C LEU A 37 -4.31 2.81 1.86
N LYS A 38 -4.47 3.96 2.49
CA LYS A 38 -5.74 4.33 3.08
C LYS A 38 -6.66 4.96 2.03
N ASP A 39 -6.06 5.77 1.15
CA ASP A 39 -6.78 6.45 0.08
C ASP A 39 -7.80 7.43 0.67
N ASP A 40 -8.96 6.91 1.07
CA ASP A 40 -10.01 7.72 1.66
C ASP A 40 -10.52 7.06 2.93
N ALA A 41 -9.90 5.94 3.29
CA ALA A 41 -10.30 5.17 4.46
C ALA A 41 -9.70 5.79 5.72
N LYS A 42 -10.18 6.97 6.07
CA LYS A 42 -9.68 7.69 7.23
C LYS A 42 -10.39 7.23 8.50
N THR A 43 -11.62 6.76 8.33
CA THR A 43 -12.40 6.27 9.46
C THR A 43 -11.88 4.90 9.90
N ASN A 44 -11.48 4.09 8.93
CA ASN A 44 -10.96 2.74 9.19
C ASN A 44 -12.05 1.84 9.78
N PRO A 45 -12.58 0.92 8.95
CA PRO A 45 -13.65 0.00 9.35
C PRO A 45 -13.30 -0.79 10.61
N GLY A 46 -12.09 -1.33 10.64
CA GLY A 46 -11.64 -2.01 11.82
C GLY A 46 -11.00 -1.06 12.81
N ASN A 47 -9.82 -0.57 12.48
CA ASN A 47 -9.09 0.36 13.34
C ASN A 47 -7.91 0.94 12.58
N ASN A 48 -7.38 2.06 13.07
CA ASN A 48 -6.28 2.75 12.40
C ASN A 48 -4.98 1.98 12.57
N LYS A 49 -4.96 1.11 13.57
CA LYS A 49 -3.83 0.20 13.78
C LYS A 49 -3.67 -0.73 12.58
N GLU A 50 -4.75 -0.90 11.83
CA GLU A 50 -4.72 -1.77 10.65
C GLU A 50 -3.90 -1.11 9.55
N GLN A 51 -3.99 0.21 9.47
CA GLN A 51 -3.15 0.98 8.54
C GLN A 51 -1.69 0.84 8.90
N GLN A 52 -1.40 0.74 10.20
CA GLN A 52 -0.04 0.62 10.69
C GLN A 52 0.66 -0.60 10.09
N ASN A 53 0.01 -1.76 10.13
CA ASN A 53 0.59 -2.97 9.57
C ASN A 53 0.55 -2.93 8.05
N ALA A 54 -0.47 -2.28 7.49
CA ALA A 54 -0.56 -2.10 6.04
C ALA A 54 0.57 -1.22 5.54
N PHE A 55 0.97 -0.26 6.38
CA PHE A 55 2.06 0.65 6.07
C PHE A 55 3.34 -0.14 5.76
N TYR A 56 3.59 -1.18 6.54
CA TYR A 56 4.81 -1.96 6.39
C TYR A 56 4.76 -2.88 5.16
N GLU A 57 3.62 -2.91 4.49
CA GLU A 57 3.49 -3.71 3.27
C GLU A 57 4.12 -2.99 2.09
N ILE A 58 4.20 -1.66 2.18
CA ILE A 58 4.78 -0.86 1.11
C ILE A 58 5.97 -0.04 1.62
N LEU A 59 6.15 -0.05 2.94
CA LEU A 59 7.24 0.70 3.59
C LEU A 59 8.57 0.38 2.93
N HIS A 60 9.26 1.44 2.51
CA HIS A 60 10.70 1.47 2.16
C HIS A 60 11.00 2.80 1.49
N LEU A 61 10.86 3.84 2.28
CA LEU A 61 11.03 5.20 1.80
C LEU A 61 12.37 5.78 2.25
N PRO A 62 12.87 6.83 1.59
CA PRO A 62 14.16 7.43 1.95
C PRO A 62 14.18 7.99 3.37
N LYS A 63 13.45 9.09 3.57
CA LYS A 63 13.39 9.75 4.86
C LYS A 63 12.20 10.69 4.93
N ALA A 1 -8.84 -14.34 0.04
CA ALA A 1 -9.71 -13.29 0.60
C ALA A 1 -8.96 -11.95 0.69
N ASP A 2 -9.01 -11.18 -0.39
CA ASP A 2 -8.35 -9.88 -0.42
C ASP A 2 -9.35 -8.79 -0.77
N ASN A 3 -10.62 -9.14 -0.78
CA ASN A 3 -11.67 -8.19 -1.15
C ASN A 3 -12.18 -7.47 0.08
N LYS A 4 -11.25 -6.95 0.87
CA LYS A 4 -11.59 -6.14 2.03
C LYS A 4 -11.50 -4.67 1.64
N PHE A 5 -12.38 -3.86 2.23
CA PHE A 5 -12.52 -2.46 1.86
C PHE A 5 -11.23 -1.68 2.11
N SER A 6 -10.37 -2.23 2.96
CA SER A 6 -9.04 -1.70 3.15
C SER A 6 -8.26 -1.78 1.84
N GLN A 7 -8.21 -0.66 1.11
CA GLN A 7 -7.63 -0.62 -0.23
C GLN A 7 -6.15 -0.98 -0.22
N SER A 8 -5.54 -1.00 0.96
CA SER A 8 -4.12 -1.28 1.07
C SER A 8 -3.77 -2.64 0.45
N ALA A 9 -4.57 -3.65 0.78
CA ALA A 9 -4.34 -5.00 0.24
C ALA A 9 -4.61 -5.04 -1.25
N ASN A 10 -5.51 -4.18 -1.69
CA ASN A 10 -5.84 -4.08 -3.10
C ASN A 10 -4.73 -3.34 -3.84
N LEU A 11 -4.16 -2.34 -3.19
CA LEU A 11 -3.09 -1.56 -3.77
C LEU A 11 -1.84 -2.41 -3.93
N LEU A 12 -1.64 -3.30 -2.97
CA LEU A 12 -0.52 -4.23 -3.00
C LEU A 12 -0.51 -5.04 -4.28
N ALA A 13 -1.67 -5.56 -4.65
CA ALA A 13 -1.80 -6.36 -5.86
C ALA A 13 -1.68 -5.51 -7.11
N GLU A 14 -2.29 -4.34 -7.09
CA GLU A 14 -2.26 -3.44 -8.24
C GLU A 14 -0.86 -2.86 -8.43
N ALA A 15 -0.22 -2.48 -7.34
CA ALA A 15 1.13 -1.96 -7.37
C ALA A 15 2.11 -3.04 -7.83
N LYS A 16 1.76 -4.30 -7.58
CA LYS A 16 2.56 -5.42 -8.06
C LYS A 16 2.56 -5.45 -9.59
N LYS A 17 1.37 -5.41 -10.18
CA LYS A 17 1.23 -5.39 -11.63
C LYS A 17 1.82 -4.10 -12.19
N LEU A 18 1.55 -3.01 -11.50
CA LEU A 18 2.02 -1.70 -11.89
C LEU A 18 3.54 -1.64 -11.85
N ASN A 19 4.12 -2.30 -10.86
CA ASN A 19 5.55 -2.25 -10.64
C ASN A 19 6.29 -2.76 -11.86
N ASP A 20 5.94 -3.96 -12.31
CA ASP A 20 6.61 -4.55 -13.47
C ASP A 20 6.22 -3.81 -14.75
N ALA A 21 4.99 -3.28 -14.80
CA ALA A 21 4.54 -2.50 -15.94
C ALA A 21 5.35 -1.21 -16.08
N GLN A 22 5.65 -0.59 -14.95
CA GLN A 22 6.42 0.66 -14.94
C GLN A 22 7.92 0.36 -15.06
N GLY A 23 8.27 -0.91 -14.87
CA GLY A 23 9.66 -1.31 -14.92
C GLY A 23 10.39 -1.01 -13.63
N GLY A 24 9.66 -1.10 -12.53
CA GLY A 24 10.20 -0.73 -11.25
C GLY A 24 9.70 0.62 -10.79
N ILE A 25 8.91 0.64 -9.72
CA ILE A 25 8.41 1.89 -9.17
C ILE A 25 9.51 2.60 -8.39
N THR A 26 9.57 3.91 -8.53
CA THR A 26 10.60 4.70 -7.89
C THR A 26 10.19 5.10 -6.48
N GLU A 27 11.13 5.69 -5.73
CA GLU A 27 10.87 6.11 -4.37
C GLU A 27 9.70 7.10 -4.33
N GLU A 28 9.62 7.95 -5.34
CA GLU A 28 8.57 8.96 -5.42
C GLU A 28 7.19 8.29 -5.50
N GLN A 29 7.07 7.33 -6.40
CA GLN A 29 5.80 6.67 -6.64
C GLN A 29 5.39 5.82 -5.44
N ARG A 30 6.33 5.08 -4.87
CA ARG A 30 6.03 4.21 -3.75
C ARG A 30 5.74 5.02 -2.49
N ASN A 31 6.37 6.18 -2.36
CA ASN A 31 6.08 7.07 -1.24
C ASN A 31 4.71 7.70 -1.44
N GLY A 32 4.17 7.56 -2.65
CA GLY A 32 2.84 8.04 -2.92
C GLY A 32 1.81 6.95 -2.72
N PHE A 33 2.30 5.80 -2.26
CA PHE A 33 1.42 4.70 -1.91
C PHE A 33 1.21 4.66 -0.42
N ILE A 34 2.22 5.14 0.32
CA ILE A 34 2.11 5.34 1.76
C ILE A 34 0.87 6.17 2.08
N GLN A 35 0.61 7.13 1.20
CA GLN A 35 -0.55 8.00 1.31
C GLN A 35 -1.82 7.24 0.95
N SER A 36 -1.73 6.45 -0.10
CA SER A 36 -2.89 5.78 -0.69
C SER A 36 -3.41 4.66 0.21
N LEU A 37 -2.51 4.04 0.99
CA LEU A 37 -2.89 2.94 1.88
C LEU A 37 -3.98 3.39 2.83
N LYS A 38 -3.78 4.56 3.42
CA LYS A 38 -4.65 5.06 4.46
C LYS A 38 -5.46 6.27 4.01
N ASP A 39 -5.40 6.59 2.73
CA ASP A 39 -6.05 7.79 2.20
C ASP A 39 -7.52 7.88 2.63
N ASP A 40 -8.20 6.75 2.65
CA ASP A 40 -9.59 6.69 3.10
C ASP A 40 -9.69 5.98 4.44
N ALA A 41 -8.55 5.75 5.08
CA ALA A 41 -8.51 5.05 6.34
C ALA A 41 -7.81 5.89 7.40
N LYS A 42 -7.96 7.20 7.31
CA LYS A 42 -7.40 8.12 8.29
C LYS A 42 -8.26 8.10 9.55
N THR A 43 -9.57 8.09 9.35
CA THR A 43 -10.52 7.90 10.43
C THR A 43 -10.96 6.43 10.45
N ASN A 44 -10.03 5.55 10.79
CA ASN A 44 -10.26 4.13 10.71
C ASN A 44 -9.72 3.40 11.95
N PRO A 45 -10.61 3.14 12.91
CA PRO A 45 -10.27 2.39 14.13
C PRO A 45 -9.81 0.96 13.85
N GLY A 46 -10.71 0.17 13.27
CA GLY A 46 -10.41 -1.22 12.99
C GLY A 46 -10.06 -1.42 11.54
N ASN A 47 -9.36 -2.53 11.24
CA ASN A 47 -8.88 -2.85 9.89
C ASN A 47 -7.58 -2.14 9.59
N ASN A 48 -7.23 -1.19 10.46
CA ASN A 48 -6.04 -0.35 10.28
C ASN A 48 -4.75 -1.17 10.26
N LYS A 49 -4.80 -2.39 10.78
CA LYS A 49 -3.64 -3.27 10.74
C LYS A 49 -3.27 -3.60 9.30
N GLU A 50 -4.25 -3.46 8.41
CA GLU A 50 -4.03 -3.74 7.00
C GLU A 50 -3.09 -2.69 6.41
N GLN A 51 -3.31 -1.44 6.78
CA GLN A 51 -2.46 -0.35 6.36
C GLN A 51 -1.08 -0.49 6.96
N GLN A 52 -1.02 -0.93 8.21
CA GLN A 52 0.25 -1.10 8.90
C GLN A 52 1.12 -2.15 8.22
N ASN A 53 0.53 -3.30 7.90
CA ASN A 53 1.27 -4.37 7.24
C ASN A 53 1.60 -4.00 5.81
N ALA A 54 0.77 -3.17 5.19
CA ALA A 54 1.04 -2.71 3.84
C ALA A 54 2.09 -1.62 3.83
N PHE A 55 2.10 -0.83 4.91
CA PHE A 55 3.00 0.29 5.06
C PHE A 55 4.45 -0.15 4.89
N TYR A 56 4.84 -1.17 5.64
CA TYR A 56 6.21 -1.65 5.60
C TYR A 56 6.50 -2.36 4.29
N GLU A 57 5.47 -2.96 3.71
CA GLU A 57 5.64 -3.74 2.50
C GLU A 57 5.94 -2.83 1.32
N ILE A 58 5.14 -1.79 1.14
CA ILE A 58 5.33 -0.88 0.02
C ILE A 58 6.52 0.05 0.29
N LEU A 59 6.85 0.23 1.57
CA LEU A 59 7.99 1.03 1.97
C LEU A 59 9.27 0.36 1.50
N HIS A 60 9.41 -0.92 1.79
CA HIS A 60 10.58 -1.68 1.39
C HIS A 60 10.24 -3.15 1.19
N LEU A 61 10.81 -3.74 0.15
CA LEU A 61 10.61 -5.15 -0.14
C LEU A 61 11.85 -5.74 -0.85
N PRO A 62 12.98 -5.84 -0.13
CA PRO A 62 14.22 -6.36 -0.69
C PRO A 62 14.17 -7.86 -0.97
N LYS A 63 13.56 -8.60 -0.04
CA LYS A 63 13.44 -10.05 -0.20
C LYS A 63 12.03 -10.41 -0.64
N ALA A 1 -15.27 -0.86 0.44
CA ALA A 1 -14.54 -1.90 -0.31
C ALA A 1 -15.07 -3.28 0.01
N ASP A 2 -15.04 -3.64 1.30
CA ASP A 2 -15.52 -4.93 1.77
C ASP A 2 -14.83 -6.06 1.02
N ASN A 3 -13.50 -6.03 1.02
CA ASN A 3 -12.70 -7.05 0.35
C ASN A 3 -11.78 -7.73 1.34
N LYS A 4 -11.79 -7.20 2.58
CA LYS A 4 -10.90 -7.66 3.66
C LYS A 4 -9.47 -7.17 3.42
N PHE A 5 -8.79 -6.83 4.53
CA PHE A 5 -7.43 -6.30 4.50
C PHE A 5 -7.39 -4.91 3.88
N SER A 6 -8.58 -4.32 3.73
CA SER A 6 -8.75 -2.97 3.18
C SER A 6 -8.26 -2.89 1.73
N GLN A 7 -8.29 -1.70 1.16
CA GLN A 7 -7.73 -1.49 -0.17
C GLN A 7 -6.21 -1.50 -0.10
N SER A 8 -5.71 -1.31 1.11
CA SER A 8 -4.28 -1.22 1.35
C SER A 8 -3.58 -2.47 0.84
N ALA A 9 -4.11 -3.64 1.19
CA ALA A 9 -3.54 -4.90 0.73
C ALA A 9 -3.81 -5.12 -0.75
N ASN A 10 -4.87 -4.52 -1.24
CA ASN A 10 -5.23 -4.64 -2.64
C ASN A 10 -4.32 -3.77 -3.52
N LEU A 11 -3.68 -2.78 -2.89
CA LEU A 11 -2.75 -1.92 -3.60
C LEU A 11 -1.50 -2.70 -3.94
N LEU A 12 -1.23 -3.69 -3.12
CA LEU A 12 -0.08 -4.57 -3.29
C LEU A 12 -0.12 -5.24 -4.65
N ALA A 13 -1.29 -5.82 -4.97
CA ALA A 13 -1.47 -6.52 -6.23
C ALA A 13 -1.47 -5.54 -7.40
N GLU A 14 -2.11 -4.39 -7.20
CA GLU A 14 -2.22 -3.39 -8.24
C GLU A 14 -0.85 -2.80 -8.56
N ALA A 15 -0.10 -2.46 -7.51
CA ALA A 15 1.23 -1.89 -7.66
C ALA A 15 2.21 -2.92 -8.21
N LYS A 16 2.01 -4.18 -7.85
CA LYS A 16 2.87 -5.28 -8.29
C LYS A 16 2.74 -5.47 -9.80
N LYS A 17 1.55 -5.20 -10.34
CA LYS A 17 1.34 -5.23 -11.78
C LYS A 17 1.81 -3.92 -12.38
N LEU A 18 1.56 -2.85 -11.64
CA LEU A 18 1.84 -1.50 -12.10
C LEU A 18 3.33 -1.27 -12.36
N ASN A 19 4.18 -1.74 -11.45
CA ASN A 19 5.59 -1.45 -11.55
C ASN A 19 6.20 -1.98 -12.84
N ASP A 20 5.87 -3.21 -13.22
CA ASP A 20 6.44 -3.81 -14.42
C ASP A 20 6.03 -3.03 -15.66
N ALA A 21 4.81 -2.53 -15.66
CA ALA A 21 4.28 -1.78 -16.79
C ALA A 21 5.02 -0.46 -16.97
N GLN A 22 5.44 0.13 -15.85
CA GLN A 22 6.12 1.41 -15.89
C GLN A 22 7.65 1.23 -15.92
N GLY A 23 8.08 -0.01 -15.85
CA GLY A 23 9.51 -0.29 -15.82
C GLY A 23 10.11 -0.03 -14.46
N GLY A 24 9.41 -0.47 -13.42
CA GLY A 24 9.85 -0.21 -12.06
C GLY A 24 9.13 0.98 -11.45
N ILE A 25 9.11 1.03 -10.13
CA ILE A 25 8.50 2.15 -9.43
C ILE A 25 9.57 3.00 -8.76
N THR A 26 9.46 4.31 -8.93
CA THR A 26 10.45 5.22 -8.40
C THR A 26 10.31 5.37 -6.89
N GLU A 27 11.37 5.80 -6.23
CA GLU A 27 11.37 5.97 -4.78
C GLU A 27 10.22 6.88 -4.37
N GLU A 28 10.08 7.99 -5.10
CA GLU A 28 9.04 8.97 -4.82
C GLU A 28 7.65 8.38 -5.05
N GLN A 29 7.52 7.56 -6.09
CA GLN A 29 6.25 6.98 -6.45
C GLN A 29 5.79 5.97 -5.41
N ARG A 30 6.69 5.07 -5.03
CA ARG A 30 6.35 4.02 -4.09
C ARG A 30 6.12 4.58 -2.70
N ASN A 31 6.86 5.64 -2.36
CA ASN A 31 6.63 6.33 -1.10
C ASN A 31 5.40 7.21 -1.21
N GLY A 32 4.88 7.33 -2.43
CA GLY A 32 3.66 8.06 -2.66
C GLY A 32 2.46 7.14 -2.60
N PHE A 33 2.72 5.88 -2.28
CA PHE A 33 1.66 4.92 -2.06
C PHE A 33 1.31 4.87 -0.58
N ILE A 34 2.19 5.44 0.23
CA ILE A 34 1.99 5.51 1.68
C ILE A 34 0.66 6.18 1.99
N GLN A 35 0.37 7.27 1.29
CA GLN A 35 -0.88 7.99 1.47
C GLN A 35 -2.06 7.23 0.87
N SER A 36 -1.77 6.44 -0.16
CA SER A 36 -2.81 5.68 -0.85
C SER A 36 -3.27 4.49 -0.02
N LEU A 37 -2.39 3.97 0.83
CA LEU A 37 -2.72 2.85 1.71
C LEU A 37 -3.88 3.21 2.61
N LYS A 38 -3.77 4.35 3.26
CA LYS A 38 -4.75 4.77 4.25
C LYS A 38 -5.74 5.79 3.69
N ASP A 39 -5.29 6.60 2.75
CA ASP A 39 -6.10 7.63 2.09
C ASP A 39 -6.66 8.66 3.08
N ASP A 40 -7.75 8.32 3.74
CA ASP A 40 -8.37 9.22 4.71
C ASP A 40 -7.79 9.01 6.09
N ALA A 41 -7.33 7.79 6.31
CA ALA A 41 -6.64 7.38 7.54
C ALA A 41 -7.45 7.67 8.80
N LYS A 42 -8.77 7.72 8.68
CA LYS A 42 -9.61 7.97 9.85
C LYS A 42 -10.04 6.65 10.48
N THR A 43 -9.39 5.58 10.06
CA THR A 43 -9.64 4.27 10.61
C THR A 43 -9.04 4.15 12.01
N ASN A 44 -9.79 3.53 12.91
CA ASN A 44 -9.33 3.38 14.30
C ASN A 44 -8.20 2.35 14.36
N PRO A 45 -7.29 2.47 15.34
CA PRO A 45 -6.09 1.62 15.42
C PRO A 45 -6.34 0.14 15.14
N GLY A 46 -7.50 -0.36 15.58
CA GLY A 46 -7.84 -1.75 15.36
C GLY A 46 -7.87 -2.15 13.90
N ASN A 47 -8.46 -1.29 13.07
CA ASN A 47 -8.55 -1.57 11.64
C ASN A 47 -7.47 -0.81 10.87
N ASN A 48 -6.93 0.23 11.49
CA ASN A 48 -5.84 1.00 10.92
C ASN A 48 -4.59 0.14 10.86
N LYS A 49 -4.61 -0.92 11.66
CA LYS A 49 -3.53 -1.90 11.67
C LYS A 49 -3.36 -2.50 10.27
N GLU A 50 -4.44 -2.55 9.50
CA GLU A 50 -4.39 -3.10 8.16
C GLU A 50 -3.64 -2.16 7.23
N GLN A 51 -3.81 -0.86 7.46
CA GLN A 51 -3.05 0.15 6.73
C GLN A 51 -1.58 0.06 7.14
N GLN A 52 -1.35 -0.14 8.43
CA GLN A 52 -0.01 -0.26 8.98
C GLN A 52 0.69 -1.49 8.41
N ASN A 53 -0.07 -2.58 8.30
CA ASN A 53 0.46 -3.81 7.71
C ASN A 53 0.90 -3.56 6.27
N ALA A 54 0.05 -2.87 5.52
CA ALA A 54 0.33 -2.59 4.11
C ALA A 54 1.50 -1.62 3.98
N PHE A 55 1.64 -0.75 4.98
CA PHE A 55 2.73 0.21 5.03
C PHE A 55 4.08 -0.49 4.83
N TYR A 56 4.28 -1.59 5.53
CA TYR A 56 5.53 -2.33 5.47
C TYR A 56 5.58 -3.21 4.22
N GLU A 57 4.44 -3.44 3.60
CA GLU A 57 4.36 -4.29 2.42
C GLU A 57 4.80 -3.53 1.18
N ILE A 58 4.49 -2.24 1.11
CA ILE A 58 4.91 -1.41 0.00
C ILE A 58 6.28 -0.79 0.29
N LEU A 59 6.62 -0.74 1.57
CA LEU A 59 7.91 -0.20 2.00
C LEU A 59 9.01 -1.24 1.77
N HIS A 60 10.24 -0.88 2.16
CA HIS A 60 11.40 -1.77 2.06
C HIS A 60 11.87 -1.92 0.62
N LEU A 61 13.06 -1.39 0.35
CA LEU A 61 13.63 -1.44 -0.99
C LEU A 61 14.36 -2.77 -1.20
N PRO A 62 13.91 -3.58 -2.18
CA PRO A 62 14.55 -4.85 -2.55
C PRO A 62 15.87 -4.63 -3.29
N LYS A 63 16.74 -3.82 -2.69
CA LYS A 63 18.04 -3.53 -3.25
C LYS A 63 19.11 -4.28 -2.48
N ALA A 1 -17.55 -9.26 7.84
CA ALA A 1 -17.10 -10.65 8.05
C ALA A 1 -15.61 -10.69 8.39
N ASP A 2 -14.76 -10.43 7.39
CA ASP A 2 -13.33 -10.48 7.58
C ASP A 2 -12.67 -9.14 7.27
N ASN A 3 -12.85 -8.65 6.04
CA ASN A 3 -12.24 -7.40 5.63
C ASN A 3 -13.28 -6.49 5.00
N LYS A 4 -13.13 -5.20 5.20
CA LYS A 4 -14.05 -4.22 4.65
C LYS A 4 -13.47 -3.61 3.38
N PHE A 5 -13.14 -4.49 2.43
CA PHE A 5 -12.54 -4.08 1.16
C PHE A 5 -11.27 -3.27 1.40
N SER A 6 -10.24 -3.95 1.87
CA SER A 6 -8.96 -3.31 2.14
C SER A 6 -8.26 -2.95 0.84
N GLN A 7 -8.50 -1.74 0.34
CA GLN A 7 -7.99 -1.33 -0.95
C GLN A 7 -6.47 -1.15 -0.89
N SER A 8 -5.93 -1.11 0.31
CA SER A 8 -4.49 -1.02 0.49
C SER A 8 -3.83 -2.29 -0.04
N ALA A 9 -4.40 -3.44 0.31
CA ALA A 9 -3.92 -4.72 -0.19
C ALA A 9 -4.10 -4.80 -1.71
N ASN A 10 -5.19 -4.22 -2.17
CA ASN A 10 -5.47 -4.14 -3.61
C ASN A 10 -4.43 -3.28 -4.30
N LEU A 11 -3.96 -2.24 -3.61
CA LEU A 11 -2.99 -1.31 -4.18
C LEU A 11 -1.66 -2.00 -4.32
N LEU A 12 -1.31 -2.80 -3.33
CA LEU A 12 -0.08 -3.57 -3.35
C LEU A 12 -0.06 -4.54 -4.52
N ALA A 13 -1.18 -5.24 -4.71
CA ALA A 13 -1.30 -6.17 -5.82
C ALA A 13 -1.34 -5.43 -7.16
N GLU A 14 -1.95 -4.25 -7.16
CA GLU A 14 -2.03 -3.44 -8.37
C GLU A 14 -0.67 -2.86 -8.69
N ALA A 15 -0.01 -2.32 -7.67
CA ALA A 15 1.31 -1.74 -7.81
C ALA A 15 2.34 -2.81 -8.20
N LYS A 16 2.07 -4.06 -7.81
CA LYS A 16 2.94 -5.16 -8.18
C LYS A 16 2.89 -5.37 -9.69
N LYS A 17 1.68 -5.40 -10.24
CA LYS A 17 1.48 -5.51 -11.68
C LYS A 17 2.00 -4.27 -12.37
N LEU A 18 1.66 -3.13 -11.79
CA LEU A 18 1.98 -1.84 -12.36
C LEU A 18 3.48 -1.56 -12.37
N ASN A 19 4.16 -2.01 -11.32
CA ASN A 19 5.58 -1.73 -11.15
C ASN A 19 6.38 -2.18 -12.37
N ASP A 20 6.18 -3.43 -12.77
CA ASP A 20 6.86 -3.97 -13.94
C ASP A 20 6.36 -3.29 -15.21
N ALA A 21 5.09 -2.91 -15.22
CA ALA A 21 4.49 -2.26 -16.38
C ALA A 21 5.16 -0.93 -16.68
N GLN A 22 5.49 -0.18 -15.62
CA GLN A 22 6.18 1.10 -15.79
C GLN A 22 7.67 0.89 -16.01
N GLY A 23 8.12 -0.34 -15.81
CA GLY A 23 9.54 -0.64 -15.94
C GLY A 23 10.29 -0.32 -14.67
N GLY A 24 9.64 -0.51 -13.53
CA GLY A 24 10.25 -0.18 -12.26
C GLY A 24 9.85 1.20 -11.78
N ILE A 25 9.05 1.24 -10.72
CA ILE A 25 8.61 2.51 -10.15
C ILE A 25 9.73 3.15 -9.34
N THR A 26 9.94 4.44 -9.55
CA THR A 26 10.94 5.20 -8.83
C THR A 26 10.49 5.40 -7.37
N GLU A 27 11.47 5.60 -6.49
CA GLU A 27 11.21 5.79 -5.07
C GLU A 27 10.21 6.91 -4.81
N GLU A 28 10.13 7.87 -5.73
CA GLU A 28 9.17 8.96 -5.62
C GLU A 28 7.75 8.48 -5.91
N GLN A 29 7.63 7.59 -6.89
CA GLN A 29 6.32 7.09 -7.32
C GLN A 29 5.67 6.26 -6.24
N ARG A 30 6.47 5.46 -5.53
CA ARG A 30 5.95 4.60 -4.47
C ARG A 30 5.46 5.42 -3.29
N ASN A 31 5.94 6.65 -3.18
CA ASN A 31 5.50 7.54 -2.11
C ASN A 31 4.06 7.95 -2.37
N GLY A 32 3.62 7.79 -3.61
CA GLY A 32 2.25 8.10 -3.95
C GLY A 32 1.37 6.90 -3.74
N PHE A 33 1.97 5.85 -3.21
CA PHE A 33 1.24 4.68 -2.77
C PHE A 33 1.24 4.62 -1.26
N ILE A 34 2.31 5.15 -0.69
CA ILE A 34 2.41 5.33 0.76
C ILE A 34 1.23 6.14 1.27
N GLN A 35 0.95 7.25 0.60
CA GLN A 35 -0.14 8.13 0.98
C GLN A 35 -1.49 7.45 0.84
N SER A 36 -1.60 6.60 -0.18
CA SER A 36 -2.86 5.92 -0.47
C SER A 36 -3.04 4.69 0.44
N LEU A 37 -1.93 4.19 0.96
CA LEU A 37 -1.96 3.05 1.86
C LEU A 37 -2.43 3.51 3.24
N LYS A 38 -1.71 4.46 3.79
CA LYS A 38 -2.04 5.05 5.08
C LYS A 38 -3.19 6.05 4.97
N ASP A 39 -3.81 6.12 3.79
CA ASP A 39 -4.95 7.03 3.56
C ASP A 39 -5.96 6.95 4.69
N ASP A 40 -5.88 7.91 5.59
CA ASP A 40 -6.69 7.95 6.81
C ASP A 40 -6.61 6.63 7.57
N ALA A 41 -5.42 6.08 7.68
CA ALA A 41 -5.21 4.89 8.50
C ALA A 41 -5.23 5.28 9.96
N LYS A 42 -6.44 5.51 10.47
CA LYS A 42 -6.63 5.98 11.83
C LYS A 42 -5.84 5.15 12.82
N THR A 43 -5.13 5.84 13.70
CA THR A 43 -4.16 5.22 14.59
C THR A 43 -4.83 4.36 15.67
N ASN A 44 -5.08 3.10 15.30
CA ASN A 44 -5.52 2.05 16.24
C ASN A 44 -6.81 2.38 16.99
N PRO A 45 -7.93 2.65 16.28
CA PRO A 45 -9.25 2.75 16.91
C PRO A 45 -9.84 1.38 17.20
N GLY A 46 -9.30 0.36 16.55
CA GLY A 46 -9.80 -0.99 16.72
C GLY A 46 -9.39 -1.91 15.58
N ASN A 47 -9.95 -1.67 14.39
CA ASN A 47 -9.73 -2.55 13.24
C ASN A 47 -8.72 -1.96 12.26
N ASN A 48 -8.56 -0.64 12.30
CA ASN A 48 -7.70 0.07 11.34
C ASN A 48 -6.25 -0.41 11.39
N LYS A 49 -5.88 -1.11 12.46
CA LYS A 49 -4.51 -1.61 12.62
C LYS A 49 -4.11 -2.54 11.47
N GLU A 50 -5.09 -3.04 10.72
CA GLU A 50 -4.82 -3.91 9.59
C GLU A 50 -3.99 -3.19 8.53
N GLN A 51 -4.14 -1.88 8.48
CA GLN A 51 -3.41 -1.05 7.52
C GLN A 51 -1.92 -1.10 7.79
N GLN A 52 -1.57 -1.18 9.07
CA GLN A 52 -0.17 -1.24 9.48
C GLN A 52 0.51 -2.48 8.91
N ASN A 53 -0.27 -3.55 8.79
CA ASN A 53 0.22 -4.81 8.26
C ASN A 53 0.59 -4.67 6.78
N ALA A 54 -0.27 -3.96 6.06
CA ALA A 54 -0.07 -3.76 4.63
C ALA A 54 1.00 -2.70 4.38
N PHE A 55 1.04 -1.69 5.24
CA PHE A 55 2.03 -0.62 5.14
C PHE A 55 3.43 -1.19 5.28
N TYR A 56 3.54 -2.26 6.05
CA TYR A 56 4.81 -2.95 6.29
C TYR A 56 5.36 -3.57 4.99
N GLU A 57 4.50 -3.68 3.98
CA GLU A 57 4.88 -4.30 2.72
C GLU A 57 5.31 -3.27 1.68
N ILE A 58 4.94 -2.01 1.89
CA ILE A 58 5.18 -0.98 0.88
C ILE A 58 6.04 0.18 1.39
N LEU A 59 6.17 0.32 2.72
CA LEU A 59 6.82 1.49 3.31
C LEU A 59 8.31 1.57 2.95
N HIS A 60 8.88 0.46 2.52
CA HIS A 60 10.27 0.42 2.12
C HIS A 60 10.39 -0.04 0.67
N LEU A 61 9.75 -1.16 0.36
CA LEU A 61 9.76 -1.74 -0.99
C LEU A 61 11.17 -2.26 -1.33
N PRO A 62 11.28 -3.55 -1.73
CA PRO A 62 12.57 -4.17 -2.05
C PRO A 62 13.20 -3.66 -3.35
N LYS A 63 13.20 -2.35 -3.52
CA LYS A 63 13.83 -1.72 -4.67
C LYS A 63 14.88 -0.74 -4.21
N ALA A 1 -8.11 -9.34 -1.85
CA ALA A 1 -8.06 -8.07 -2.61
C ALA A 1 -9.22 -7.97 -3.60
N ASP A 2 -9.37 -8.99 -4.43
CA ASP A 2 -10.38 -8.98 -5.50
C ASP A 2 -11.79 -8.75 -4.97
N ASN A 3 -12.32 -9.70 -4.22
CA ASN A 3 -13.70 -9.60 -3.74
C ASN A 3 -13.76 -9.52 -2.22
N LYS A 4 -12.60 -9.56 -1.59
CA LYS A 4 -12.49 -9.48 -0.14
C LYS A 4 -11.22 -8.75 0.26
N PHE A 5 -11.07 -8.48 1.56
CA PHE A 5 -9.96 -7.69 2.10
C PHE A 5 -10.13 -6.21 1.78
N SER A 6 -9.29 -5.39 2.41
CA SER A 6 -9.35 -3.94 2.24
C SER A 6 -8.72 -3.50 0.92
N GLN A 7 -8.97 -2.25 0.53
CA GLN A 7 -8.42 -1.69 -0.70
C GLN A 7 -6.90 -1.59 -0.60
N SER A 8 -6.39 -1.67 0.62
CA SER A 8 -4.97 -1.71 0.86
C SER A 8 -4.36 -2.91 0.14
N ALA A 9 -5.02 -4.05 0.26
CA ALA A 9 -4.59 -5.26 -0.42
C ALA A 9 -4.76 -5.11 -1.92
N ASN A 10 -5.71 -4.27 -2.30
CA ASN A 10 -5.92 -3.94 -3.70
C ASN A 10 -4.78 -3.11 -4.24
N LEU A 11 -4.25 -2.20 -3.42
CA LEU A 11 -3.11 -1.40 -3.86
C LEU A 11 -1.88 -2.28 -3.97
N LEU A 12 -1.77 -3.22 -3.06
CA LEU A 12 -0.70 -4.22 -3.07
C LEU A 12 -0.74 -5.02 -4.37
N ALA A 13 -1.94 -5.45 -4.74
CA ALA A 13 -2.15 -6.22 -5.95
C ALA A 13 -1.96 -5.35 -7.20
N GLU A 14 -2.42 -4.10 -7.12
CA GLU A 14 -2.30 -3.19 -8.24
C GLU A 14 -0.84 -2.83 -8.48
N ALA A 15 -0.15 -2.49 -7.40
CA ALA A 15 1.25 -2.07 -7.47
C ALA A 15 2.14 -3.20 -7.99
N LYS A 16 1.81 -4.44 -7.61
CA LYS A 16 2.57 -5.60 -8.07
C LYS A 16 2.58 -5.67 -9.58
N LYS A 17 1.42 -5.49 -10.20
CA LYS A 17 1.30 -5.55 -11.65
C LYS A 17 1.75 -4.24 -12.28
N LEU A 18 1.37 -3.14 -11.64
CA LEU A 18 1.68 -1.81 -12.13
C LEU A 18 3.18 -1.55 -12.19
N ASN A 19 3.91 -2.14 -11.25
CA ASN A 19 5.34 -1.89 -11.12
C ASN A 19 6.07 -2.18 -12.42
N ASP A 20 5.83 -3.36 -12.98
CA ASP A 20 6.50 -3.77 -14.20
C ASP A 20 6.02 -2.93 -15.39
N ALA A 21 4.75 -2.52 -15.34
CA ALA A 21 4.16 -1.73 -16.41
C ALA A 21 4.85 -0.36 -16.53
N GLN A 22 5.14 0.26 -15.40
CA GLN A 22 5.79 1.57 -15.39
C GLN A 22 7.32 1.44 -15.35
N GLY A 23 7.80 0.20 -15.34
CA GLY A 23 9.22 -0.05 -15.41
C GLY A 23 9.91 0.10 -14.06
N GLY A 24 9.31 -0.49 -13.04
CA GLY A 24 9.91 -0.48 -11.72
C GLY A 24 9.56 0.76 -10.94
N ILE A 25 8.97 0.58 -9.76
CA ILE A 25 8.62 1.70 -8.91
C ILE A 25 9.86 2.25 -8.21
N THR A 26 10.01 3.56 -8.28
CA THR A 26 11.13 4.25 -7.67
C THR A 26 10.80 4.69 -6.25
N GLU A 27 11.75 5.33 -5.59
CA GLU A 27 11.51 5.85 -4.25
C GLU A 27 10.33 6.82 -4.26
N GLU A 28 10.27 7.62 -5.33
CA GLU A 28 9.19 8.58 -5.49
C GLU A 28 7.87 7.87 -5.69
N GLN A 29 7.87 6.86 -6.54
CA GLN A 29 6.66 6.12 -6.87
C GLN A 29 6.11 5.39 -5.65
N ARG A 30 6.98 4.70 -4.93
CA ARG A 30 6.56 3.96 -3.74
C ARG A 30 6.17 4.91 -2.61
N ASN A 31 6.80 6.09 -2.58
CA ASN A 31 6.43 7.10 -1.61
C ASN A 31 5.09 7.73 -2.00
N GLY A 32 4.69 7.48 -3.24
CA GLY A 32 3.44 8.01 -3.75
C GLY A 32 2.31 7.04 -3.53
N PHE A 33 2.59 5.96 -2.82
CA PHE A 33 1.55 5.01 -2.46
C PHE A 33 1.26 5.07 -0.96
N ILE A 34 2.11 5.77 -0.22
CA ILE A 34 2.00 5.83 1.24
C ILE A 34 0.60 6.27 1.69
N GLN A 35 0.15 7.41 1.18
CA GLN A 35 -1.11 8.00 1.63
C GLN A 35 -2.30 7.12 1.27
N SER A 36 -2.26 6.54 0.09
CA SER A 36 -3.36 5.73 -0.40
C SER A 36 -3.34 4.34 0.22
N LEU A 37 -2.16 3.87 0.58
CA LEU A 37 -2.00 2.55 1.15
C LEU A 37 -2.52 2.52 2.58
N LYS A 38 -2.14 3.52 3.37
CA LYS A 38 -2.67 3.63 4.73
C LYS A 38 -4.08 4.18 4.71
N ASP A 39 -4.39 4.93 3.63
CA ASP A 39 -5.74 5.45 3.37
C ASP A 39 -6.22 6.38 4.49
N ASP A 40 -5.27 6.86 5.29
CA ASP A 40 -5.58 7.66 6.47
C ASP A 40 -6.53 6.91 7.38
N ALA A 41 -6.28 5.62 7.57
CA ALA A 41 -7.08 4.80 8.46
C ALA A 41 -6.96 5.32 9.89
N LYS A 42 -7.91 6.17 10.27
CA LYS A 42 -7.90 6.79 11.59
C LYS A 42 -8.44 5.82 12.63
N THR A 43 -7.60 4.85 12.98
CA THR A 43 -7.96 3.80 13.93
C THR A 43 -9.16 3.01 13.41
N ASN A 44 -8.94 2.25 12.35
CA ASN A 44 -9.99 1.44 11.75
C ASN A 44 -9.70 -0.04 11.96
N PRO A 45 -10.41 -0.68 12.89
CA PRO A 45 -10.28 -2.11 13.17
C PRO A 45 -10.68 -2.98 11.97
N GLY A 46 -10.37 -4.26 12.05
CA GLY A 46 -10.69 -5.17 10.97
C GLY A 46 -9.54 -5.36 10.02
N ASN A 47 -9.85 -5.50 8.73
CA ASN A 47 -8.83 -5.69 7.71
C ASN A 47 -8.27 -4.34 7.29
N ASN A 48 -8.98 -3.28 7.62
CA ASN A 48 -8.51 -1.93 7.36
C ASN A 48 -7.34 -1.59 8.27
N LYS A 49 -7.18 -2.37 9.32
CA LYS A 49 -6.06 -2.21 10.24
C LYS A 49 -4.79 -2.84 9.65
N GLU A 50 -4.95 -3.59 8.56
CA GLU A 50 -3.85 -4.31 7.95
C GLU A 50 -2.90 -3.38 7.21
N GLN A 51 -3.41 -2.22 6.79
CA GLN A 51 -2.61 -1.26 6.02
C GLN A 51 -1.33 -0.87 6.73
N GLN A 52 -1.35 -0.84 8.07
CA GLN A 52 -0.15 -0.50 8.84
C GLN A 52 0.98 -1.49 8.54
N ASN A 53 0.63 -2.77 8.47
CA ASN A 53 1.60 -3.81 8.13
C ASN A 53 2.08 -3.62 6.69
N ALA A 54 1.16 -3.21 5.83
CA ALA A 54 1.47 -2.95 4.43
C ALA A 54 2.37 -1.73 4.29
N PHE A 55 2.24 -0.78 5.22
CA PHE A 55 3.07 0.41 5.23
C PHE A 55 4.55 0.06 5.28
N TYR A 56 4.89 -0.88 6.15
CA TYR A 56 6.27 -1.32 6.26
C TYR A 56 6.68 -2.14 5.05
N GLU A 57 5.69 -2.76 4.41
CA GLU A 57 5.93 -3.60 3.25
C GLU A 57 6.11 -2.77 1.99
N ILE A 58 5.49 -1.60 1.94
CA ILE A 58 5.65 -0.70 0.80
C ILE A 58 6.90 0.16 0.99
N LEU A 59 7.30 0.34 2.23
CA LEU A 59 8.49 1.12 2.57
C LEU A 59 9.75 0.28 2.36
N HIS A 60 9.62 -1.03 2.47
CA HIS A 60 10.76 -1.93 2.33
C HIS A 60 10.45 -3.02 1.31
N LEU A 61 11.37 -3.97 1.17
CA LEU A 61 11.15 -5.10 0.27
C LEU A 61 10.67 -6.32 1.06
N PRO A 62 9.47 -6.81 0.76
CA PRO A 62 8.89 -7.98 1.44
C PRO A 62 9.71 -9.24 1.24
N LYS A 63 10.01 -9.92 2.34
CA LYS A 63 10.79 -11.14 2.35
C LYS A 63 12.22 -10.89 1.85
N ALA A 1 -14.49 0.83 9.15
CA ALA A 1 -14.37 0.34 7.76
C ALA A 1 -15.72 -0.12 7.24
N ASP A 2 -16.18 0.49 6.15
CA ASP A 2 -17.49 0.18 5.60
C ASP A 2 -17.39 -0.70 4.37
N ASN A 3 -17.05 -0.11 3.23
CA ASN A 3 -17.03 -0.85 1.97
C ASN A 3 -15.63 -0.95 1.38
N LYS A 4 -14.83 0.08 1.55
CA LYS A 4 -13.46 0.06 1.04
C LYS A 4 -12.63 -0.96 1.81
N PHE A 5 -12.90 -1.04 3.11
CA PHE A 5 -12.29 -2.02 4.02
C PHE A 5 -10.78 -1.81 4.14
N SER A 6 -10.03 -2.29 3.16
CA SER A 6 -8.59 -2.14 3.15
C SER A 6 -8.08 -2.09 1.71
N GLN A 7 -8.01 -0.88 1.16
CA GLN A 7 -7.57 -0.71 -0.22
C GLN A 7 -6.14 -1.16 -0.39
N SER A 8 -5.44 -1.33 0.72
CA SER A 8 -4.06 -1.77 0.69
C SER A 8 -3.95 -3.10 -0.03
N ALA A 9 -4.83 -4.04 0.32
CA ALA A 9 -4.83 -5.37 -0.27
C ALA A 9 -5.13 -5.27 -1.76
N ASN A 10 -5.92 -4.28 -2.11
CA ASN A 10 -6.28 -4.05 -3.50
C ASN A 10 -5.12 -3.42 -4.25
N LEU A 11 -4.45 -2.45 -3.63
CA LEU A 11 -3.38 -1.73 -4.29
C LEU A 11 -2.17 -2.62 -4.49
N LEU A 12 -1.93 -3.51 -3.53
CA LEU A 12 -0.82 -4.45 -3.63
C LEU A 12 -0.90 -5.25 -4.93
N ALA A 13 -2.10 -5.74 -5.23
CA ALA A 13 -2.32 -6.50 -6.44
C ALA A 13 -2.17 -5.62 -7.67
N GLU A 14 -2.69 -4.40 -7.59
CA GLU A 14 -2.67 -3.49 -8.73
C GLU A 14 -1.25 -2.99 -8.99
N ALA A 15 -0.56 -2.61 -7.91
CA ALA A 15 0.81 -2.14 -7.99
C ALA A 15 1.72 -3.20 -8.60
N LYS A 16 1.47 -4.47 -8.30
CA LYS A 16 2.26 -5.55 -8.87
C LYS A 16 2.14 -5.57 -10.39
N LYS A 17 0.94 -5.30 -10.89
CA LYS A 17 0.70 -5.25 -12.32
C LYS A 17 1.24 -3.95 -12.90
N LEU A 18 0.94 -2.87 -12.22
CA LEU A 18 1.24 -1.53 -12.68
C LEU A 18 2.75 -1.23 -12.66
N ASN A 19 3.34 -1.35 -11.48
CA ASN A 19 4.73 -0.92 -11.27
C ASN A 19 5.70 -1.84 -11.99
N ASP A 20 5.34 -3.10 -12.16
CA ASP A 20 6.23 -4.07 -12.81
C ASP A 20 6.48 -3.68 -14.26
N ALA A 21 5.45 -3.15 -14.92
CA ALA A 21 5.57 -2.69 -16.28
C ALA A 21 6.49 -1.47 -16.36
N GLN A 22 6.58 -0.76 -15.24
CA GLN A 22 7.44 0.43 -15.14
C GLN A 22 8.86 0.02 -14.77
N GLY A 23 9.04 -1.26 -14.46
CA GLY A 23 10.33 -1.74 -14.02
C GLY A 23 10.57 -1.50 -12.55
N GLY A 24 9.48 -1.31 -11.81
CA GLY A 24 9.59 -1.03 -10.38
C GLY A 24 9.48 0.45 -10.07
N ILE A 25 9.15 0.76 -8.82
CA ILE A 25 9.06 2.15 -8.38
C ILE A 25 10.17 2.50 -7.42
N THR A 26 10.55 3.78 -7.40
CA THR A 26 11.58 4.27 -6.50
C THR A 26 10.98 4.72 -5.17
N GLU A 27 11.82 5.18 -4.26
CA GLU A 27 11.35 5.70 -2.97
C GLU A 27 10.40 6.88 -3.19
N GLU A 28 10.68 7.66 -4.23
CA GLU A 28 9.87 8.84 -4.54
C GLU A 28 8.53 8.41 -5.11
N GLN A 29 8.56 7.45 -6.01
CA GLN A 29 7.36 6.98 -6.69
C GLN A 29 6.42 6.26 -5.72
N ARG A 30 7.01 5.44 -4.85
CA ARG A 30 6.22 4.70 -3.86
C ARG A 30 5.61 5.66 -2.85
N ASN A 31 6.24 6.82 -2.68
CA ASN A 31 5.74 7.84 -1.76
C ASN A 31 4.44 8.42 -2.30
N GLY A 32 4.16 8.14 -3.57
CA GLY A 32 2.92 8.61 -4.17
C GLY A 32 1.83 7.57 -4.08
N PHE A 33 2.12 6.47 -3.40
CA PHE A 33 1.13 5.43 -3.19
C PHE A 33 0.62 5.44 -1.76
N ILE A 34 1.40 6.03 -0.86
CA ILE A 34 1.09 6.03 0.57
C ILE A 34 -0.32 6.55 0.83
N GLN A 35 -0.72 7.56 0.06
CA GLN A 35 -2.03 8.18 0.23
C GLN A 35 -3.17 7.19 0.01
N SER A 36 -3.07 6.40 -1.04
CA SER A 36 -4.09 5.41 -1.37
C SER A 36 -3.89 4.13 -0.57
N LEU A 37 -2.64 3.85 -0.23
CA LEU A 37 -2.27 2.59 0.40
C LEU A 37 -2.58 2.60 1.90
N LYS A 38 -2.26 3.70 2.56
CA LYS A 38 -2.45 3.79 4.01
C LYS A 38 -3.47 4.86 4.38
N ASP A 39 -3.84 5.67 3.39
CA ASP A 39 -4.73 6.82 3.59
C ASP A 39 -4.07 7.87 4.49
N ASP A 40 -4.03 7.60 5.79
CA ASP A 40 -3.39 8.49 6.73
C ASP A 40 -2.95 7.75 7.99
N ALA A 41 -3.38 6.49 8.08
CA ALA A 41 -3.09 5.63 9.24
C ALA A 41 -3.62 6.26 10.53
N LYS A 42 -3.20 5.70 11.66
CA LYS A 42 -3.51 6.26 12.99
C LYS A 42 -5.01 6.29 13.27
N THR A 43 -5.77 5.57 12.44
CA THR A 43 -7.21 5.52 12.57
C THR A 43 -7.66 4.69 13.78
N ASN A 44 -7.66 3.38 13.62
CA ASN A 44 -8.12 2.47 14.66
C ASN A 44 -6.99 1.54 15.09
N PRO A 45 -6.45 1.73 16.30
CA PRO A 45 -5.35 0.92 16.84
C PRO A 45 -5.72 -0.55 17.05
N GLY A 46 -6.99 -0.88 16.87
CA GLY A 46 -7.43 -2.25 17.04
C GLY A 46 -7.32 -3.05 15.76
N ASN A 47 -8.44 -3.22 15.07
CA ASN A 47 -8.49 -4.02 13.85
C ASN A 47 -7.73 -3.36 12.71
N ASN A 48 -7.97 -2.07 12.52
CA ASN A 48 -7.40 -1.34 11.38
C ASN A 48 -5.89 -1.24 11.49
N LYS A 49 -5.37 -1.46 12.69
CA LYS A 49 -3.95 -1.35 12.96
C LYS A 49 -3.13 -2.33 12.11
N GLU A 50 -3.79 -3.36 11.58
CA GLU A 50 -3.12 -4.41 10.83
C GLU A 50 -2.42 -3.84 9.58
N GLN A 51 -2.92 -2.71 9.09
CA GLN A 51 -2.36 -2.05 7.92
C GLN A 51 -0.86 -1.76 8.06
N GLN A 52 -0.41 -1.48 9.30
CA GLN A 52 0.98 -1.12 9.54
C GLN A 52 1.92 -2.22 9.04
N ASN A 53 1.48 -3.47 9.13
CA ASN A 53 2.30 -4.60 8.70
C ASN A 53 2.54 -4.54 7.19
N ALA A 54 1.52 -4.11 6.46
CA ALA A 54 1.64 -3.95 5.01
C ALA A 54 2.51 -2.75 4.67
N PHE A 55 2.51 -1.77 5.56
CA PHE A 55 3.29 -0.55 5.37
C PHE A 55 4.77 -0.86 5.25
N TYR A 56 5.24 -1.84 6.00
CA TYR A 56 6.65 -2.21 5.98
C TYR A 56 7.04 -2.79 4.62
N GLU A 57 6.07 -3.40 3.95
CA GLU A 57 6.31 -4.03 2.66
C GLU A 57 6.50 -3.00 1.56
N ILE A 58 5.88 -1.84 1.72
CA ILE A 58 6.00 -0.78 0.73
C ILE A 58 7.08 0.23 1.14
N LEU A 59 7.26 0.41 2.44
CA LEU A 59 8.22 1.36 2.96
C LEU A 59 9.65 0.85 2.82
N HIS A 60 9.80 -0.47 2.78
CA HIS A 60 11.12 -1.07 2.70
C HIS A 60 11.28 -1.84 1.40
N LEU A 61 12.42 -1.66 0.75
CA LEU A 61 12.73 -2.36 -0.48
C LEU A 61 13.86 -3.36 -0.22
N PRO A 62 13.52 -4.65 -0.04
CA PRO A 62 14.50 -5.69 0.25
C PRO A 62 15.39 -6.00 -0.97
N LYS A 63 16.54 -5.35 -1.03
CA LYS A 63 17.45 -5.53 -2.14
C LYS A 63 18.88 -5.66 -1.62
N ALA A 1 -12.18 -14.28 -2.04
CA ALA A 1 -11.31 -14.28 -0.84
C ALA A 1 -11.58 -13.04 0.01
N ASP A 2 -11.08 -11.89 -0.44
CA ASP A 2 -11.27 -10.62 0.25
C ASP A 2 -10.80 -10.71 1.70
N ASN A 3 -9.60 -11.22 1.90
CA ASN A 3 -9.01 -11.32 3.22
C ASN A 3 -8.24 -10.04 3.55
N LYS A 4 -8.57 -8.99 2.82
CA LYS A 4 -7.89 -7.71 3.00
C LYS A 4 -8.62 -6.85 4.01
N PHE A 5 -7.86 -5.97 4.65
CA PHE A 5 -8.42 -5.04 5.63
C PHE A 5 -7.97 -3.63 5.27
N SER A 6 -7.49 -3.48 4.05
CA SER A 6 -6.94 -2.22 3.57
C SER A 6 -6.77 -2.28 2.06
N GLN A 7 -6.55 -1.12 1.45
CA GLN A 7 -6.35 -1.02 0.01
C GLN A 7 -4.98 -1.60 -0.38
N SER A 8 -4.17 -1.90 0.63
CA SER A 8 -2.84 -2.44 0.41
C SER A 8 -2.88 -3.72 -0.42
N ALA A 9 -3.80 -4.63 -0.08
CA ALA A 9 -3.92 -5.88 -0.83
C ALA A 9 -4.36 -5.62 -2.25
N ASN A 10 -5.13 -4.55 -2.43
CA ASN A 10 -5.54 -4.10 -3.75
C ASN A 10 -4.32 -3.56 -4.49
N LEU A 11 -3.48 -2.81 -3.75
CA LEU A 11 -2.24 -2.30 -4.31
C LEU A 11 -1.34 -3.43 -4.77
N LEU A 12 -1.37 -4.55 -4.06
CA LEU A 12 -0.58 -5.72 -4.44
C LEU A 12 -0.92 -6.16 -5.86
N ALA A 13 -2.21 -6.24 -6.15
CA ALA A 13 -2.68 -6.64 -7.48
C ALA A 13 -2.41 -5.53 -8.50
N GLU A 14 -2.64 -4.29 -8.08
CA GLU A 14 -2.48 -3.15 -8.96
C GLU A 14 -1.00 -2.90 -9.29
N ALA A 15 -0.16 -2.94 -8.26
CA ALA A 15 1.27 -2.73 -8.43
C ALA A 15 1.89 -3.86 -9.24
N LYS A 16 1.27 -5.03 -9.20
CA LYS A 16 1.73 -6.17 -9.97
C LYS A 16 1.80 -5.79 -11.46
N LYS A 17 0.83 -5.03 -11.92
CA LYS A 17 0.80 -4.54 -13.29
C LYS A 17 1.71 -3.32 -13.46
N LEU A 18 1.65 -2.43 -12.48
CA LEU A 18 2.37 -1.15 -12.56
C LEU A 18 3.87 -1.34 -12.47
N ASN A 19 4.33 -2.11 -11.49
CA ASN A 19 5.76 -2.25 -11.22
C ASN A 19 6.50 -2.73 -12.46
N ASP A 20 6.00 -3.79 -13.07
CA ASP A 20 6.65 -4.38 -14.24
C ASP A 20 6.70 -3.39 -15.40
N ALA A 21 5.60 -2.68 -15.61
CA ALA A 21 5.51 -1.71 -16.71
C ALA A 21 6.46 -0.53 -16.49
N GLN A 22 6.74 -0.23 -15.23
CA GLN A 22 7.62 0.87 -14.88
C GLN A 22 9.06 0.39 -14.63
N GLY A 23 9.20 -0.94 -14.57
CA GLY A 23 10.48 -1.52 -14.25
C GLY A 23 10.83 -1.34 -12.79
N GLY A 24 9.84 -1.56 -11.93
CA GLY A 24 9.98 -1.26 -10.52
C GLY A 24 9.55 0.16 -10.20
N ILE A 25 8.79 0.32 -9.12
CA ILE A 25 8.27 1.62 -8.75
C ILE A 25 9.30 2.43 -7.98
N THR A 26 9.38 3.71 -8.30
CA THR A 26 10.37 4.61 -7.73
C THR A 26 10.09 4.90 -6.26
N GLU A 27 11.05 5.51 -5.58
CA GLU A 27 10.91 5.90 -4.19
C GLU A 27 9.65 6.74 -3.99
N GLU A 28 9.44 7.68 -4.90
CA GLU A 28 8.32 8.60 -4.80
C GLU A 28 7.00 7.89 -5.13
N GLN A 29 7.07 6.95 -6.05
CA GLN A 29 5.88 6.21 -6.48
C GLN A 29 5.39 5.30 -5.36
N ARG A 30 6.31 4.61 -4.71
CA ARG A 30 5.95 3.72 -3.61
C ARG A 30 5.47 4.53 -2.41
N ASN A 31 5.99 5.75 -2.31
CA ASN A 31 5.58 6.68 -1.27
C ASN A 31 4.13 7.09 -1.51
N GLY A 32 3.68 6.94 -2.75
CA GLY A 32 2.34 7.38 -3.10
C GLY A 32 1.33 6.29 -2.89
N PHE A 33 1.79 5.17 -2.35
CA PHE A 33 0.90 4.09 -1.96
C PHE A 33 0.73 4.09 -0.45
N ILE A 34 1.64 4.74 0.26
CA ILE A 34 1.57 4.83 1.70
C ILE A 34 0.33 5.63 2.10
N GLN A 35 0.04 6.68 1.34
CA GLN A 35 -1.18 7.45 1.53
C GLN A 35 -2.40 6.61 1.17
N SER A 36 -2.20 5.68 0.25
CA SER A 36 -3.27 4.83 -0.23
C SER A 36 -3.62 3.75 0.80
N LEU A 37 -2.65 3.40 1.64
CA LEU A 37 -2.87 2.43 2.71
C LEU A 37 -3.88 2.94 3.72
N LYS A 38 -3.70 4.19 4.11
CA LYS A 38 -4.50 4.77 5.19
C LYS A 38 -5.63 5.64 4.66
N ASP A 39 -5.44 6.22 3.47
CA ASP A 39 -6.36 7.22 2.90
C ASP A 39 -6.46 8.44 3.82
N ASP A 40 -7.40 8.37 4.75
CA ASP A 40 -7.57 9.40 5.76
C ASP A 40 -8.23 8.78 6.99
N ALA A 41 -7.99 7.48 7.14
CA ALA A 41 -8.58 6.70 8.23
C ALA A 41 -7.86 6.96 9.55
N LYS A 42 -8.04 8.17 10.06
CA LYS A 42 -7.37 8.59 11.29
C LYS A 42 -8.20 8.24 12.52
N THR A 43 -9.31 7.55 12.30
CA THR A 43 -10.19 7.18 13.40
C THR A 43 -10.32 5.66 13.50
N ASN A 44 -9.22 4.98 13.23
CA ASN A 44 -9.19 3.52 13.32
C ASN A 44 -8.25 3.08 14.44
N PRO A 45 -8.83 2.62 15.57
CA PRO A 45 -8.05 2.09 16.69
C PRO A 45 -7.23 0.87 16.30
N GLY A 46 -7.87 -0.08 15.62
CA GLY A 46 -7.20 -1.31 15.28
C GLY A 46 -6.81 -1.39 13.81
N ASN A 47 -7.71 -0.95 12.95
CA ASN A 47 -7.52 -1.05 11.50
C ASN A 47 -6.32 -0.22 11.05
N ASN A 48 -6.05 0.88 11.74
CA ASN A 48 -4.94 1.75 11.35
C ASN A 48 -3.61 1.10 11.67
N LYS A 49 -3.58 0.30 12.73
CA LYS A 49 -2.39 -0.47 13.03
C LYS A 49 -2.16 -1.49 11.94
N GLU A 50 -3.23 -1.85 11.23
CA GLU A 50 -3.15 -2.78 10.12
C GLU A 50 -2.62 -2.06 8.89
N GLN A 51 -3.20 -0.89 8.65
CA GLN A 51 -2.83 -0.04 7.52
C GLN A 51 -1.37 0.39 7.63
N GLN A 52 -0.94 0.68 8.84
CA GLN A 52 0.46 1.04 9.11
C GLN A 52 1.34 -0.20 9.01
N ASN A 53 0.79 -1.34 9.38
CA ASN A 53 1.51 -2.61 9.26
C ASN A 53 1.70 -2.96 7.79
N ALA A 54 0.78 -2.49 6.95
CA ALA A 54 0.88 -2.67 5.50
C ALA A 54 2.03 -1.85 4.94
N PHE A 55 2.32 -0.73 5.62
CA PHE A 55 3.43 0.15 5.26
C PHE A 55 4.76 -0.61 5.31
N TYR A 56 4.79 -1.69 6.07
CA TYR A 56 5.99 -2.51 6.18
C TYR A 56 6.37 -3.10 4.83
N GLU A 57 5.37 -3.37 4.00
CA GLU A 57 5.59 -3.91 2.66
C GLU A 57 6.07 -2.82 1.70
N ILE A 58 5.37 -1.69 1.71
CA ILE A 58 5.63 -0.63 0.75
C ILE A 58 6.55 0.46 1.36
N LEU A 59 7.37 0.03 2.31
CA LEU A 59 8.36 0.88 2.95
C LEU A 59 9.56 1.06 2.03
N HIS A 60 10.76 1.09 2.62
CA HIS A 60 12.01 1.10 1.87
C HIS A 60 12.17 2.38 1.05
N LEU A 61 12.75 3.40 1.69
CA LEU A 61 13.06 4.68 1.05
C LEU A 61 11.82 5.53 0.75
N PRO A 62 10.98 5.83 1.76
CA PRO A 62 9.87 6.76 1.61
C PRO A 62 10.22 8.16 2.12
N LYS A 63 9.60 9.18 1.55
CA LYS A 63 9.79 10.54 2.02
C LYS A 63 8.75 11.46 1.40
N ALA A 1 -13.23 -4.37 -1.90
CA ALA A 1 -12.88 -5.80 -1.90
C ALA A 1 -12.79 -6.33 -0.48
N ASP A 2 -13.49 -7.41 -0.20
CA ASP A 2 -13.50 -8.01 1.13
C ASP A 2 -12.47 -9.12 1.23
N ASN A 3 -11.23 -8.74 1.51
CA ASN A 3 -10.15 -9.69 1.71
C ASN A 3 -9.23 -9.21 2.82
N LYS A 4 -9.75 -8.27 3.60
CA LYS A 4 -9.01 -7.63 4.70
C LYS A 4 -7.82 -6.83 4.19
N PHE A 5 -7.17 -6.11 5.09
CA PHE A 5 -6.08 -5.20 4.75
C PHE A 5 -6.59 -4.07 3.85
N SER A 6 -7.91 -3.96 3.74
CA SER A 6 -8.56 -2.91 2.96
C SER A 6 -8.06 -2.88 1.51
N GLN A 7 -8.18 -1.73 0.87
CA GLN A 7 -7.69 -1.57 -0.50
C GLN A 7 -6.16 -1.59 -0.53
N SER A 8 -5.55 -1.50 0.64
CA SER A 8 -4.09 -1.49 0.75
C SER A 8 -3.49 -2.74 0.12
N ALA A 9 -4.07 -3.89 0.44
CA ALA A 9 -3.61 -5.16 -0.11
C ALA A 9 -3.81 -5.21 -1.62
N ASN A 10 -4.83 -4.50 -2.08
CA ASN A 10 -5.13 -4.41 -3.50
C ASN A 10 -4.07 -3.57 -4.20
N LEU A 11 -3.60 -2.53 -3.51
CA LEU A 11 -2.63 -1.60 -4.07
C LEU A 11 -1.28 -2.27 -4.21
N LEU A 12 -0.92 -3.04 -3.20
CA LEU A 12 0.31 -3.81 -3.22
C LEU A 12 0.36 -4.74 -4.42
N ALA A 13 -0.77 -5.36 -4.72
CA ALA A 13 -0.88 -6.20 -5.90
C ALA A 13 -0.89 -5.35 -7.16
N GLU A 14 -1.60 -4.24 -7.10
CA GLU A 14 -1.78 -3.36 -8.27
C GLU A 14 -0.46 -2.74 -8.67
N ALA A 15 0.26 -2.22 -7.69
CA ALA A 15 1.55 -1.59 -7.90
C ALA A 15 2.54 -2.57 -8.54
N LYS A 16 2.49 -3.83 -8.12
CA LYS A 16 3.35 -4.86 -8.69
C LYS A 16 3.02 -5.14 -10.16
N LYS A 17 1.78 -4.91 -10.54
CA LYS A 17 1.39 -5.00 -11.93
C LYS A 17 1.77 -3.71 -12.65
N LEU A 18 1.45 -2.60 -11.98
CA LEU A 18 1.61 -1.27 -12.54
C LEU A 18 3.06 -0.96 -12.91
N ASN A 19 4.00 -1.37 -12.06
CA ASN A 19 5.39 -1.04 -12.30
C ASN A 19 5.87 -1.61 -13.64
N ASP A 20 5.42 -2.80 -13.97
CA ASP A 20 5.81 -3.43 -15.22
C ASP A 20 5.26 -2.65 -16.42
N ALA A 21 4.10 -2.06 -16.23
CA ALA A 21 3.45 -1.28 -17.27
C ALA A 21 4.23 -0.02 -17.60
N GLN A 22 4.69 0.69 -16.57
CA GLN A 22 5.39 1.96 -16.78
C GLN A 22 6.89 1.76 -16.95
N GLY A 23 7.41 0.69 -16.36
CA GLY A 23 8.84 0.41 -16.45
C GLY A 23 9.53 0.61 -15.11
N GLY A 24 9.04 -0.07 -14.08
CA GLY A 24 9.64 0.01 -12.77
C GLY A 24 9.13 1.19 -11.95
N ILE A 25 8.83 0.93 -10.68
CA ILE A 25 8.45 1.99 -9.77
C ILE A 25 9.58 2.29 -8.80
N THR A 26 9.98 3.54 -8.73
CA THR A 26 11.01 3.95 -7.79
C THR A 26 10.44 3.92 -6.38
N GLU A 27 11.29 3.75 -5.37
CA GLU A 27 10.83 3.74 -3.99
C GLU A 27 10.04 5.02 -3.68
N GLU A 28 10.53 6.15 -4.19
CA GLU A 28 9.87 7.43 -4.01
C GLU A 28 8.51 7.47 -4.72
N GLN A 29 8.42 6.79 -5.87
CA GLN A 29 7.17 6.68 -6.59
C GLN A 29 6.18 5.84 -5.80
N ARG A 30 6.67 4.77 -5.20
CA ARG A 30 5.84 3.91 -4.38
C ARG A 30 5.47 4.63 -3.09
N ASN A 31 6.31 5.58 -2.70
CA ASN A 31 6.01 6.44 -1.55
C ASN A 31 4.86 7.39 -1.91
N GLY A 32 4.54 7.45 -3.19
CA GLY A 32 3.42 8.25 -3.62
C GLY A 32 2.14 7.44 -3.61
N PHE A 33 2.26 6.22 -3.11
CA PHE A 33 1.10 5.35 -2.95
C PHE A 33 0.61 5.34 -1.50
N ILE A 34 1.42 5.89 -0.60
CA ILE A 34 1.11 5.86 0.83
C ILE A 34 -0.26 6.47 1.13
N GLN A 35 -0.62 7.54 0.42
CA GLN A 35 -1.89 8.21 0.64
C GLN A 35 -3.05 7.30 0.31
N SER A 36 -2.92 6.54 -0.75
CA SER A 36 -3.96 5.63 -1.19
C SER A 36 -3.90 4.35 -0.36
N LEU A 37 -2.69 4.02 0.07
CA LEU A 37 -2.43 2.85 0.91
C LEU A 37 -3.20 2.96 2.22
N LYS A 38 -3.04 4.08 2.91
CA LYS A 38 -3.71 4.30 4.19
C LYS A 38 -5.11 4.84 3.99
N ASP A 39 -5.27 5.77 3.05
CA ASP A 39 -6.56 6.43 2.80
C ASP A 39 -7.14 6.96 4.12
N ASP A 40 -6.38 7.86 4.74
CA ASP A 40 -6.76 8.46 6.02
C ASP A 40 -7.04 7.38 7.07
N ALA A 41 -6.01 6.66 7.46
CA ALA A 41 -6.16 5.57 8.40
C ALA A 41 -5.50 5.88 9.74
N LYS A 42 -5.06 7.12 9.92
CA LYS A 42 -4.43 7.54 11.16
C LYS A 42 -5.48 8.14 12.10
N THR A 43 -6.63 8.48 11.53
CA THR A 43 -7.67 9.18 12.26
C THR A 43 -8.40 8.24 13.23
N ASN A 44 -8.66 7.02 12.79
CA ASN A 44 -9.39 6.07 13.61
C ASN A 44 -8.52 4.85 13.95
N PRO A 45 -7.91 4.85 15.13
CA PRO A 45 -7.17 3.70 15.65
C PRO A 45 -8.11 2.52 15.92
N GLY A 46 -7.64 1.31 15.64
CA GLY A 46 -8.47 0.14 15.83
C GLY A 46 -8.17 -0.94 14.81
N ASN A 47 -9.15 -1.26 13.98
CA ASN A 47 -9.01 -2.30 12.96
C ASN A 47 -8.07 -1.83 11.86
N ASN A 48 -7.88 -0.53 11.78
CA ASN A 48 -7.04 0.09 10.76
C ASN A 48 -5.59 -0.33 10.87
N LYS A 49 -5.21 -0.88 12.04
CA LYS A 49 -3.83 -1.30 12.28
C LYS A 49 -3.37 -2.35 11.28
N GLU A 50 -4.31 -3.02 10.61
CA GLU A 50 -3.96 -4.04 9.64
C GLU A 50 -3.31 -3.40 8.41
N GLN A 51 -3.78 -2.21 8.07
CA GLN A 51 -3.21 -1.44 6.99
C GLN A 51 -1.80 -0.98 7.36
N GLN A 52 -1.62 -0.68 8.62
CA GLN A 52 -0.31 -0.30 9.15
C GLN A 52 0.65 -1.50 9.12
N ASN A 53 0.10 -2.69 9.32
CA ASN A 53 0.89 -3.91 9.22
C ASN A 53 1.39 -4.07 7.79
N ALA A 54 0.51 -3.85 6.83
CA ALA A 54 0.85 -3.92 5.41
C ALA A 54 1.82 -2.81 5.02
N PHE A 55 1.72 -1.69 5.74
CA PHE A 55 2.59 -0.53 5.53
C PHE A 55 4.06 -0.93 5.58
N TYR A 56 4.38 -1.91 6.42
CA TYR A 56 5.76 -2.35 6.61
C TYR A 56 6.35 -2.94 5.33
N GLU A 57 5.48 -3.47 4.48
CA GLU A 57 5.92 -4.07 3.22
C GLU A 57 6.08 -3.01 2.13
N ILE A 58 5.45 -1.86 2.31
CA ILE A 58 5.39 -0.86 1.25
C ILE A 58 6.26 0.38 1.57
N LEU A 59 6.70 0.51 2.81
CA LEU A 59 7.36 1.73 3.27
C LEU A 59 8.80 1.92 2.76
N HIS A 60 9.46 0.86 2.30
CA HIS A 60 10.86 0.99 1.89
C HIS A 60 11.05 0.76 0.39
N LEU A 61 11.01 -0.51 -0.01
CA LEU A 61 11.40 -0.92 -1.37
C LEU A 61 12.87 -0.63 -1.60
N PRO A 62 13.76 -1.58 -1.27
CA PRO A 62 15.20 -1.42 -1.45
C PRO A 62 15.63 -1.59 -2.90
N LYS A 63 14.79 -1.12 -3.81
CA LYS A 63 15.02 -1.26 -5.25
C LYS A 63 16.17 -0.35 -5.68
#